data_6ZM3
#
_entry.id   6ZM3
#
_cell.length_a   32.523
_cell.length_b   72.568
_cell.length_c   120.094
_cell.angle_alpha   90.000
_cell.angle_beta   91.839
_cell.angle_gamma   90.000
#
_symmetry.space_group_name_H-M   'P 1 21 1'
#
loop_
_entity.id
_entity.type
_entity.pdbx_description
1 polymer 'Putative ubiquitin-conjugating enzyme e2'
2 polymer 'Ubiquitin-conjugating enzyme-like protein'
3 water water
#
loop_
_entity_poly.entity_id
_entity_poly.type
_entity_poly.pdbx_seq_one_letter_code
_entity_poly.pdbx_strand_id
1 'polypeptide(L)'
;GPAMLTTRIIKETEKLQKECPPGITATPTKENPRYFMVTIQGPPQSCYEGGLFRLELFLPEEYPMKPPKVRFLTRIYHPN
VDKVGRICLDIIKDKWSPALLINKVLLSIQILMSSPNPDDPLANDVAEHWKEDEASALQTAREWTRKYAKP
;
AAA,CCC
2 'polypeptide(L)'
;GPAMVEVPRNFRLLEELETGEKGTGSNQNVSVGLRDTADIFFHYWNGTIVGPPSTTFEYRILSLEIYCDENYPKVPPHIR
FLSKVNLPCVDSDGTVNREKFHVFKHWDRRTTMELCLSELRKEMAQPQNRKLVQPPEGSTY
;
BBB,DDD
#
# COMPACT_ATOMS: atom_id res chain seq x y z
N LEU A 5 -5.82 33.20 5.93
CA LEU A 5 -7.09 32.43 5.72
C LEU A 5 -7.50 32.48 4.25
N THR A 6 -6.74 31.81 3.39
CA THR A 6 -7.15 31.63 2.00
C THR A 6 -8.53 30.97 1.94
N THR A 7 -9.15 31.07 0.76
CA THR A 7 -10.43 30.44 0.51
C THR A 7 -10.29 28.93 0.76
N ARG A 8 -9.16 28.38 0.30
CA ARG A 8 -8.97 26.94 0.39
C ARG A 8 -9.07 26.50 1.84
N ILE A 9 -8.29 27.19 2.68
CA ILE A 9 -8.20 26.87 4.09
C ILE A 9 -9.57 27.05 4.72
N ILE A 10 -10.29 28.12 4.35
CA ILE A 10 -11.61 28.32 4.92
C ILE A 10 -12.55 27.16 4.54
N LYS A 11 -12.51 26.72 3.27
CA LYS A 11 -13.41 25.64 2.87
C LYS A 11 -12.98 24.32 3.50
N GLU A 12 -11.66 24.12 3.63
CA GLU A 12 -11.21 22.91 4.30
C GLU A 12 -11.66 22.85 5.76
N THR A 13 -11.59 24.01 6.44
CA THR A 13 -12.01 24.12 7.83
C THR A 13 -13.46 23.69 7.97
N GLU A 14 -14.29 24.11 7.01
CA GLU A 14 -15.71 23.81 7.07
C GLU A 14 -15.91 22.31 6.89
N LYS A 15 -15.16 21.74 5.94
CA LYS A 15 -15.33 20.32 5.65
C LYS A 15 -14.88 19.49 6.85
N LEU A 16 -13.88 19.98 7.59
CA LEU A 16 -13.34 19.28 8.75
C LEU A 16 -14.31 19.37 9.93
N GLN A 17 -14.99 20.52 10.08
CA GLN A 17 -16.01 20.63 11.12
C GLN A 17 -17.23 19.78 10.81
N LYS A 18 -17.69 19.75 9.55
CA LYS A 18 -19.01 19.21 9.25
C LYS A 18 -18.95 17.77 8.77
N GLU A 19 -17.85 17.39 8.09
CA GLU A 19 -17.76 16.16 7.32
C GLU A 19 -16.47 15.42 7.65
N CYS A 20 -16.06 15.42 8.92
CA CYS A 20 -14.84 14.72 9.28
C CYS A 20 -15.07 13.24 9.06
N PRO A 21 -14.07 12.43 8.64
CA PRO A 21 -14.30 11.00 8.48
C PRO A 21 -14.79 10.43 9.82
N PRO A 22 -15.62 9.39 9.82
CA PRO A 22 -16.12 8.79 11.07
C PRO A 22 -14.95 8.43 11.97
N GLY A 23 -15.01 8.76 13.26
CA GLY A 23 -13.93 8.43 14.18
C GLY A 23 -12.93 9.56 14.39
N ILE A 24 -13.04 10.63 13.58
CA ILE A 24 -12.06 11.71 13.58
C ILE A 24 -12.78 13.02 13.88
N THR A 25 -12.12 13.92 14.63
CA THR A 25 -12.50 15.31 14.84
C THR A 25 -11.31 16.23 14.61
N ALA A 26 -11.58 17.43 14.04
CA ALA A 26 -10.54 18.42 13.83
C ALA A 26 -11.15 19.81 13.99
N THR A 27 -10.50 20.63 14.82
CA THR A 27 -11.09 21.89 15.26
C THR A 27 -9.98 22.93 15.42
N PRO A 28 -10.08 24.08 14.71
CA PRO A 28 -9.03 25.11 14.77
C PRO A 28 -9.03 25.82 16.11
N THR A 29 -7.88 26.35 16.51
CA THR A 29 -7.77 27.13 17.73
C THR A 29 -8.26 28.56 17.46
N LYS A 30 -8.76 29.24 18.50
CA LYS A 30 -9.16 30.65 18.36
C LYS A 30 -7.97 31.58 18.12
N GLU A 31 -6.85 31.38 18.83
CA GLU A 31 -5.70 32.25 18.66
C GLU A 31 -5.02 31.99 17.32
N ASN A 32 -5.30 30.83 16.71
CA ASN A 32 -4.54 30.44 15.53
C ASN A 32 -5.36 29.49 14.67
N PRO A 33 -6.08 29.99 13.64
CA PRO A 33 -6.95 29.14 12.81
C PRO A 33 -6.21 28.20 11.85
N ARG A 34 -4.87 28.31 11.79
CA ARG A 34 -4.07 27.39 11.01
C ARG A 34 -3.63 26.21 11.86
N TYR A 35 -3.99 26.23 13.15
CA TYR A 35 -3.54 25.29 14.16
C TYR A 35 -4.75 24.49 14.67
N PHE A 36 -4.72 23.16 14.52
CA PHE A 36 -5.93 22.38 14.74
C PHE A 36 -5.70 21.35 15.85
N MET A 37 -6.68 21.22 16.76
CA MET A 37 -6.68 20.09 17.67
C MET A 37 -7.49 18.98 17.02
N VAL A 38 -6.96 17.75 17.06
CA VAL A 38 -7.45 16.62 16.30
C VAL A 38 -7.60 15.45 17.26
N THR A 39 -8.65 14.66 17.06
CA THR A 39 -8.77 13.38 17.74
C THR A 39 -9.07 12.27 16.73
N ILE A 40 -8.52 11.08 17.00
CA ILE A 40 -8.84 9.89 16.23
C ILE A 40 -9.13 8.79 17.24
N GLN A 41 -10.28 8.12 17.09
CA GLN A 41 -10.59 6.98 17.94
C GLN A 41 -9.66 5.82 17.53
N GLY A 42 -9.13 5.10 18.51
CA GLY A 42 -8.44 3.86 18.18
C GLY A 42 -9.28 2.95 17.30
N PRO A 43 -8.81 2.46 16.12
CA PRO A 43 -9.65 1.66 15.24
C PRO A 43 -10.26 0.43 15.94
N PRO A 44 -11.58 0.20 15.80
CA PRO A 44 -12.18 -1.04 16.30
C PRO A 44 -11.36 -2.28 15.93
N GLN A 45 -11.24 -3.17 16.91
CA GLN A 45 -10.66 -4.49 16.67
C GLN A 45 -9.12 -4.39 16.60
N SER A 46 -8.59 -3.17 16.42
CA SER A 46 -7.14 -2.94 16.51
C SER A 46 -6.63 -2.98 17.95
N CYS A 47 -5.30 -2.97 18.10
CA CYS A 47 -4.67 -2.92 19.42
C CYS A 47 -4.95 -1.57 20.12
N TYR A 48 -5.49 -0.56 19.40
CA TYR A 48 -5.73 0.75 19.94
C TYR A 48 -7.22 0.95 20.26
N GLU A 49 -8.03 -0.09 20.02
CA GLU A 49 -9.46 0.01 20.18
C GLU A 49 -9.77 0.43 21.62
N GLY A 50 -10.78 1.28 21.71
CA GLY A 50 -11.20 1.85 22.98
C GLY A 50 -10.46 3.15 23.31
N GLY A 51 -9.30 3.39 22.70
CA GLY A 51 -8.60 4.62 23.05
C GLY A 51 -9.14 5.81 22.25
N LEU A 52 -8.86 7.00 22.77
CA LEU A 52 -9.08 8.27 22.10
C LEU A 52 -7.73 9.00 22.00
N PHE A 53 -7.28 9.24 20.76
CA PHE A 53 -5.93 9.75 20.58
C PHE A 53 -6.03 11.21 20.13
N ARG A 54 -5.25 12.05 20.79
CA ARG A 54 -5.20 13.49 20.55
C ARG A 54 -3.94 13.78 19.73
N LEU A 55 -4.14 14.57 18.67
CA LEU A 55 -3.07 15.06 17.80
C LEU A 55 -3.22 16.58 17.64
N GLU A 56 -2.17 17.21 17.09
CA GLU A 56 -2.17 18.63 16.76
C GLU A 56 -1.64 18.74 15.34
N LEU A 57 -2.22 19.66 14.58
CA LEU A 57 -1.85 19.80 13.17
C LEU A 57 -1.75 21.29 12.83
N PHE A 58 -0.75 21.65 12.01
CA PHE A 58 -0.55 23.04 11.67
C PHE A 58 -0.33 23.19 10.16
N LEU A 59 -0.94 24.23 9.58
CA LEU A 59 -0.71 24.51 8.17
C LEU A 59 0.39 25.56 7.99
N PRO A 60 1.63 25.20 7.55
CA PRO A 60 2.72 26.16 7.58
C PRO A 60 2.53 27.16 6.44
N GLU A 61 3.48 28.10 6.34
CA GLU A 61 3.29 29.28 5.52
C GLU A 61 3.11 28.87 4.06
N GLU A 62 3.83 27.81 3.67
CA GLU A 62 3.95 27.41 2.28
C GLU A 62 2.87 26.39 1.88
N TYR A 63 1.94 26.02 2.79
CA TYR A 63 0.80 25.18 2.45
C TYR A 63 -0.03 25.90 1.38
N PRO A 64 -0.49 25.23 0.29
CA PRO A 64 -0.36 23.78 0.10
C PRO A 64 0.79 23.22 -0.73
N MET A 65 1.86 24.01 -0.95
CA MET A 65 3.03 23.47 -1.63
C MET A 65 3.74 22.46 -0.74
N LYS A 66 3.69 22.72 0.57
CA LYS A 66 4.30 21.88 1.59
C LYS A 66 3.18 21.31 2.43
N PRO A 67 3.32 20.08 2.98
CA PRO A 67 2.23 19.39 3.68
C PRO A 67 1.93 20.01 5.05
N PRO A 68 0.75 19.71 5.64
CA PRO A 68 0.49 20.08 7.02
C PRO A 68 1.57 19.39 7.86
N LYS A 69 1.86 20.00 9.00
CA LYS A 69 2.68 19.38 10.05
C LYS A 69 1.71 18.74 11.04
N VAL A 70 1.98 17.49 11.46
CA VAL A 70 0.99 16.85 12.34
C VAL A 70 1.70 15.82 13.20
N ARG A 71 1.38 15.79 14.50
CA ARG A 71 1.98 14.81 15.39
C ARG A 71 0.94 14.33 16.40
N PHE A 72 1.16 13.12 16.95
CA PHE A 72 0.38 12.72 18.13
C PHE A 72 0.81 13.50 19.37
N LEU A 73 -0.18 13.80 20.22
CA LEU A 73 0.12 14.25 21.57
C LEU A 73 0.01 13.07 22.54
N THR A 74 -1.10 12.34 22.44
CA THR A 74 -1.25 11.10 23.18
C THR A 74 -0.09 10.17 22.87
N ARG A 75 0.52 9.58 23.91
CA ARG A 75 1.51 8.53 23.66
C ARG A 75 0.84 7.33 23.02
N ILE A 76 1.54 6.66 22.09
CA ILE A 76 1.01 5.54 21.35
C ILE A 76 2.21 4.68 21.02
N TYR A 77 2.02 3.37 21.13
CA TYR A 77 3.07 2.39 20.83
C TYR A 77 2.77 1.92 19.41
N HIS A 78 3.58 2.38 18.45
CA HIS A 78 3.29 2.17 17.04
C HIS A 78 4.60 2.25 16.25
N PRO A 79 4.83 1.33 15.27
CA PRO A 79 6.08 1.29 14.53
C PRO A 79 6.45 2.58 13.81
N ASN A 80 5.43 3.40 13.50
CA ASN A 80 5.66 4.58 12.70
C ASN A 80 5.43 5.87 13.50
N VAL A 81 5.37 5.78 14.84
CA VAL A 81 5.23 6.98 15.63
C VAL A 81 6.34 6.96 16.68
N ASP A 82 7.08 8.07 16.82
CA ASP A 82 8.22 8.10 17.74
C ASP A 82 7.79 8.56 19.13
N LYS A 83 8.76 8.77 20.02
CA LYS A 83 8.48 8.98 21.44
C LYS A 83 7.93 10.39 21.70
N VAL A 84 7.91 11.25 20.69
CA VAL A 84 7.32 12.59 20.86
C VAL A 84 6.17 12.82 19.88
N GLY A 85 5.67 11.70 19.31
CA GLY A 85 4.46 11.69 18.51
C GLY A 85 4.64 11.94 17.02
N ARG A 86 5.88 12.12 16.55
CA ARG A 86 6.10 12.35 15.14
C ARG A 86 5.73 11.10 14.33
N ILE A 87 5.19 11.32 13.12
CA ILE A 87 4.54 10.27 12.36
C ILE A 87 5.30 10.07 11.06
N CYS A 88 5.77 8.85 10.84
CA CYS A 88 6.36 8.51 9.56
C CYS A 88 5.22 8.09 8.61
N LEU A 89 4.69 9.04 7.78
CA LEU A 89 3.61 8.73 6.84
C LEU A 89 3.96 9.38 5.49
N ASP A 90 3.92 8.62 4.38
CA ASP A 90 4.51 9.12 3.15
C ASP A 90 3.89 10.45 2.70
N ILE A 91 2.56 10.59 2.83
CA ILE A 91 1.91 11.76 2.24
C ILE A 91 2.21 13.08 2.97
N ILE A 92 2.77 13.06 4.18
CA ILE A 92 3.14 14.30 4.88
C ILE A 92 4.67 14.42 4.89
N LYS A 93 5.31 13.62 4.02
CA LYS A 93 6.76 13.59 3.90
C LYS A 93 7.13 13.84 2.45
N ASP A 94 7.17 12.77 1.64
CA ASP A 94 7.75 12.88 0.32
C ASP A 94 6.70 12.62 -0.76
N LYS A 95 5.53 12.10 -0.36
CA LYS A 95 4.46 11.81 -1.31
C LYS A 95 3.34 12.85 -1.23
N TRP A 96 3.67 14.06 -0.76
CA TRP A 96 2.68 15.13 -0.69
C TRP A 96 2.48 15.71 -2.07
N SER A 97 1.23 16.06 -2.38
CA SER A 97 0.85 16.77 -3.59
C SER A 97 0.01 17.95 -3.12
N PRO A 98 0.09 19.15 -3.75
CA PRO A 98 -0.73 20.27 -3.33
C PRO A 98 -2.25 20.07 -3.40
N ALA A 99 -2.73 19.09 -4.20
CA ALA A 99 -4.17 18.86 -4.33
C ALA A 99 -4.76 18.13 -3.12
N LEU A 100 -3.93 17.36 -2.40
CA LEU A 100 -4.39 16.60 -1.25
C LEU A 100 -4.90 17.56 -0.16
N LEU A 101 -5.90 17.13 0.63
CA LEU A 101 -6.45 17.98 1.68
C LEU A 101 -6.21 17.39 3.06
N ILE A 102 -6.40 18.22 4.10
CA ILE A 102 -6.23 17.76 5.48
C ILE A 102 -7.02 16.49 5.78
N ASN A 103 -8.26 16.41 5.31
CA ASN A 103 -9.18 15.31 5.46
C ASN A 103 -8.48 13.98 5.14
N LYS A 104 -7.71 14.01 4.05
CA LYS A 104 -7.00 12.86 3.53
C LYS A 104 -5.83 12.51 4.42
N VAL A 105 -5.05 13.52 4.84
CA VAL A 105 -4.01 13.30 5.83
C VAL A 105 -4.59 12.57 7.04
N LEU A 106 -5.73 13.06 7.55
CA LEU A 106 -6.19 12.46 8.80
C LEU A 106 -6.70 11.03 8.60
N LEU A 107 -7.45 10.79 7.52
CA LEU A 107 -7.86 9.47 7.11
C LEU A 107 -6.62 8.56 7.02
N SER A 108 -5.51 9.07 6.46
CA SER A 108 -4.34 8.24 6.28
C SER A 108 -3.75 7.81 7.63
N ILE A 109 -3.81 8.71 8.63
CA ILE A 109 -3.28 8.39 9.95
C ILE A 109 -4.21 7.35 10.57
N GLN A 110 -5.52 7.54 10.38
CA GLN A 110 -6.49 6.54 10.87
C GLN A 110 -6.23 5.14 10.29
N ILE A 111 -5.91 5.08 9.01
CA ILE A 111 -5.61 3.81 8.36
C ILE A 111 -4.28 3.27 8.92
N LEU A 112 -3.29 4.17 9.11
CA LEU A 112 -1.98 3.77 9.62
C LEU A 112 -2.08 3.14 11.01
N MET A 113 -3.05 3.59 11.82
CA MET A 113 -3.31 2.96 13.11
C MET A 113 -3.81 1.51 13.01
N SER A 114 -4.64 1.16 12.01
CA SER A 114 -5.01 -0.22 11.72
C SER A 114 -3.91 -1.00 11.02
N SER A 115 -3.14 -0.31 10.16
CA SER A 115 -2.24 -1.02 9.25
C SER A 115 -0.82 -0.44 9.33
N PRO A 116 -0.07 -0.74 10.41
CA PRO A 116 1.25 -0.11 10.60
C PRO A 116 2.22 -0.59 9.51
N ASN A 117 3.29 0.18 9.30
CA ASN A 117 4.32 -0.21 8.34
C ASN A 117 5.64 -0.42 9.08
N PRO A 118 5.85 -1.59 9.73
CA PRO A 118 7.08 -1.85 10.46
C PRO A 118 8.28 -2.13 9.53
N ASP A 119 8.07 -2.15 8.21
CA ASP A 119 9.20 -2.39 7.31
C ASP A 119 9.60 -1.10 6.61
N ASP A 120 9.09 0.02 7.11
CA ASP A 120 9.44 1.35 6.65
C ASP A 120 10.97 1.46 6.72
N PRO A 121 11.63 2.09 5.71
CA PRO A 121 13.09 2.07 5.63
C PRO A 121 13.80 2.45 6.93
N LEU A 122 13.31 3.51 7.59
CA LEU A 122 14.03 4.11 8.71
C LEU A 122 13.81 3.28 9.98
N ALA A 123 14.89 2.62 10.46
CA ALA A 123 14.83 1.67 11.56
C ALA A 123 14.45 2.35 12.88
N ASN A 124 13.63 1.65 13.69
CA ASN A 124 13.39 2.04 15.07
C ASN A 124 13.00 0.80 15.86
N ASP A 125 13.04 0.93 17.20
CA ASP A 125 12.96 -0.23 18.08
C ASP A 125 11.53 -0.77 18.10
N VAL A 126 10.52 0.09 17.95
CA VAL A 126 9.16 -0.39 18.00
C VAL A 126 8.83 -1.21 16.77
N ALA A 127 9.23 -0.74 15.57
CA ALA A 127 9.15 -1.51 14.33
C ALA A 127 9.87 -2.85 14.47
N GLU A 128 11.02 -2.84 15.14
CA GLU A 128 11.80 -4.05 15.26
C GLU A 128 11.04 -5.05 16.13
N HIS A 129 10.35 -4.56 17.16
CA HIS A 129 9.53 -5.39 18.02
C HIS A 129 8.35 -6.01 17.25
N TRP A 130 7.64 -5.17 16.48
CA TRP A 130 6.56 -5.61 15.61
C TRP A 130 7.03 -6.77 14.73
N LYS A 131 8.28 -6.71 14.24
CA LYS A 131 8.74 -7.75 13.33
C LYS A 131 9.13 -9.01 14.08
N GLU A 132 9.90 -8.82 15.16
CA GLU A 132 10.45 -9.87 16.00
C GLU A 132 9.31 -10.67 16.66
N ASP A 133 8.28 -9.99 17.17
CA ASP A 133 7.27 -10.69 17.96
C ASP A 133 5.96 -9.91 17.91
N GLU A 134 5.29 -9.96 16.76
CA GLU A 134 4.13 -9.11 16.56
C GLU A 134 3.12 -9.25 17.69
N ALA A 135 2.94 -10.47 18.22
CA ALA A 135 1.86 -10.67 19.20
C ALA A 135 2.13 -9.90 20.49
N SER A 136 3.39 -9.93 20.94
CA SER A 136 3.84 -9.17 22.10
C SER A 136 3.73 -7.66 21.84
N ALA A 137 4.16 -7.22 20.64
CA ALA A 137 4.05 -5.80 20.32
C ALA A 137 2.61 -5.33 20.44
N LEU A 138 1.68 -6.09 19.83
CA LEU A 138 0.27 -5.70 19.89
C LEU A 138 -0.20 -5.59 21.34
N GLN A 139 0.26 -6.52 22.16
CA GLN A 139 -0.07 -6.57 23.58
C GLN A 139 0.42 -5.32 24.29
N THR A 140 1.65 -4.89 24.01
CA THR A 140 2.19 -3.69 24.62
C THR A 140 1.33 -2.51 24.17
N ALA A 141 0.91 -2.51 22.89
CA ALA A 141 0.12 -1.42 22.34
C ALA A 141 -1.22 -1.30 23.05
N ARG A 142 -1.85 -2.44 23.39
CA ARG A 142 -3.12 -2.44 24.11
C ARG A 142 -2.90 -1.85 25.51
N GLU A 143 -1.80 -2.25 26.15
CA GLU A 143 -1.46 -1.77 27.48
C GLU A 143 -1.25 -0.27 27.45
N TRP A 144 -0.50 0.22 26.43
CA TRP A 144 -0.28 1.64 26.27
C TRP A 144 -1.60 2.36 26.02
N THR A 145 -2.53 1.71 25.30
CA THR A 145 -3.81 2.34 24.96
C THR A 145 -4.60 2.55 26.25
N ARG A 146 -4.61 1.51 27.10
CA ARG A 146 -5.31 1.60 28.38
C ARG A 146 -4.66 2.66 29.28
N LYS A 147 -3.34 2.75 29.28
CA LYS A 147 -2.58 3.63 30.15
C LYS A 147 -2.74 5.11 29.75
N TYR A 148 -2.73 5.40 28.43
CA TYR A 148 -2.43 6.75 28.01
C TYR A 148 -3.56 7.37 27.19
N ALA A 149 -4.44 6.54 26.59
CA ALA A 149 -5.44 6.98 25.63
C ALA A 149 -6.85 6.82 26.19
N LYS A 150 -7.00 6.71 27.52
CA LYS A 150 -8.34 6.61 28.08
C LYS A 150 -9.18 7.81 27.66
N PRO A 151 -10.36 7.58 27.03
CA PRO A 151 -11.24 8.69 26.64
C PRO A 151 -11.38 9.71 27.78
N MET B 4 0.43 37.02 9.39
CA MET B 4 1.88 36.67 9.24
C MET B 4 2.01 35.17 8.95
N VAL B 5 1.17 34.40 9.65
CA VAL B 5 1.31 32.96 9.87
C VAL B 5 2.29 32.72 11.01
N GLU B 6 1.68 32.57 12.18
CA GLU B 6 2.37 32.25 13.42
C GLU B 6 2.57 30.74 13.49
N VAL B 7 3.82 30.32 13.64
CA VAL B 7 4.14 28.94 14.00
C VAL B 7 3.79 28.70 15.48
N PRO B 8 2.87 27.76 15.77
CA PRO B 8 2.52 27.40 17.14
C PRO B 8 3.76 26.96 17.91
N ARG B 9 3.75 27.25 19.23
CA ARG B 9 4.91 26.97 20.07
C ARG B 9 5.43 25.54 19.87
N ASN B 10 4.53 24.56 19.91
CA ASN B 10 4.89 23.16 19.93
C ASN B 10 5.63 22.83 18.62
N PHE B 11 5.17 23.39 17.50
CA PHE B 11 5.81 23.10 16.22
C PHE B 11 7.13 23.87 16.04
N ARG B 12 7.24 25.07 16.60
CA ARG B 12 8.53 25.73 16.68
C ARG B 12 9.55 24.87 17.44
N LEU B 13 9.13 24.32 18.58
CA LEU B 13 10.08 23.54 19.39
C LEU B 13 10.40 22.20 18.72
N LEU B 14 9.42 21.60 18.02
CA LEU B 14 9.74 20.44 17.18
C LEU B 14 10.77 20.79 16.11
N GLU B 15 10.65 21.99 15.51
CA GLU B 15 11.63 22.42 14.51
C GLU B 15 13.03 22.48 15.14
N GLU B 16 13.15 23.13 16.28
CA GLU B 16 14.44 23.22 16.95
C GLU B 16 14.93 21.83 17.41
N LEU B 17 14.02 20.98 17.88
CA LEU B 17 14.46 19.62 18.22
C LEU B 17 15.15 18.98 17.01
N GLU B 18 14.52 19.12 15.82
CA GLU B 18 15.02 18.44 14.63
C GLU B 18 16.32 19.06 14.16
N THR B 19 16.48 20.39 14.29
CA THR B 19 17.75 21.01 13.94
C THR B 19 18.90 20.40 14.73
N GLY B 20 18.75 20.30 16.06
CA GLY B 20 19.68 19.57 16.90
C GLY B 20 19.93 18.14 16.44
N GLU B 21 18.85 17.40 16.16
CA GLU B 21 18.99 16.01 15.74
C GLU B 21 19.75 15.90 14.41
N LYS B 22 19.47 16.80 13.46
CA LYS B 22 20.05 16.78 12.11
C LYS B 22 21.46 17.36 12.17
N GLY B 23 21.75 18.10 13.24
CA GLY B 23 23.06 18.67 13.43
C GLY B 23 24.14 17.66 13.04
N THR B 24 25.15 18.15 12.32
CA THR B 24 26.17 17.26 11.81
C THR B 24 27.23 17.00 12.88
N GLY B 25 27.35 17.93 13.85
CA GLY B 25 28.37 17.86 14.89
C GLY B 25 29.53 18.84 14.64
N SER B 26 29.35 19.73 13.65
N SER B 26 29.34 19.73 13.65
CA SER B 26 30.36 20.70 13.24
CA SER B 26 30.36 20.69 13.25
C SER B 26 30.56 21.73 14.34
C SER B 26 30.57 21.75 14.32
N ASN B 27 29.51 22.51 14.62
CA ASN B 27 29.56 23.52 15.67
C ASN B 27 29.75 22.78 16.99
N GLN B 28 30.97 22.80 17.51
N GLN B 28 30.94 22.94 17.58
CA GLN B 28 31.22 22.18 18.80
CA GLN B 28 31.30 22.18 18.77
C GLN B 28 31.75 23.24 19.75
C GLN B 28 31.37 23.11 19.98
N ASN B 29 31.07 24.38 19.78
CA ASN B 29 31.37 25.36 20.83
C ASN B 29 30.09 25.80 21.54
N VAL B 30 28.93 25.45 20.96
CA VAL B 30 27.64 25.69 21.60
C VAL B 30 26.71 24.49 21.37
N SER B 31 25.84 24.18 22.34
CA SER B 31 24.94 23.04 22.17
C SER B 31 23.68 23.19 23.02
N VAL B 32 22.57 22.70 22.47
CA VAL B 32 21.28 22.70 23.16
C VAL B 32 20.66 21.35 22.93
N GLY B 33 19.86 20.90 23.91
CA GLY B 33 19.28 19.58 23.82
C GLY B 33 18.21 19.45 24.90
N LEU B 34 17.27 18.54 24.66
CA LEU B 34 16.10 18.37 25.52
C LEU B 34 16.60 17.93 26.90
N ARG B 35 16.08 18.55 27.98
CA ARG B 35 16.53 18.24 29.32
C ARG B 35 15.97 16.89 29.80
N ASP B 36 14.64 16.76 29.71
CA ASP B 36 13.87 15.62 30.18
C ASP B 36 13.46 14.82 28.96
N THR B 37 13.81 13.54 29.01
CA THR B 37 13.65 12.59 27.93
C THR B 37 12.18 12.35 27.57
N ALA B 38 11.25 12.64 28.49
CA ALA B 38 9.84 12.29 28.30
C ALA B 38 8.88 13.49 28.20
N ASP B 39 9.36 14.74 28.20
CA ASP B 39 8.43 15.87 28.08
C ASP B 39 8.15 16.14 26.60
N ILE B 40 6.92 15.89 26.20
CA ILE B 40 6.56 16.00 24.79
C ILE B 40 6.23 17.47 24.48
N PHE B 41 6.33 18.33 25.49
CA PHE B 41 5.99 19.74 25.28
C PHE B 41 7.25 20.59 25.39
N PHE B 42 8.40 19.93 25.60
CA PHE B 42 9.73 20.50 25.45
C PHE B 42 9.90 21.78 26.25
N HIS B 43 9.53 21.77 27.54
CA HIS B 43 9.62 22.98 28.35
C HIS B 43 11.09 23.31 28.65
N TYR B 44 11.88 22.30 29.04
CA TYR B 44 13.23 22.59 29.50
C TYR B 44 14.29 22.00 28.57
N TRP B 45 15.33 22.80 28.31
CA TRP B 45 16.46 22.43 27.50
C TRP B 45 17.74 22.65 28.29
N ASN B 46 18.72 21.79 28.06
CA ASN B 46 20.05 21.92 28.62
C ASN B 46 20.81 22.72 27.59
N GLY B 47 21.66 23.67 28.04
CA GLY B 47 22.55 24.36 27.13
C GLY B 47 24.00 24.23 27.58
N THR B 48 24.88 24.19 26.59
CA THR B 48 26.30 24.22 26.80
C THR B 48 26.87 25.37 25.98
N ILE B 49 27.80 26.12 26.61
CA ILE B 49 28.74 26.99 25.92
C ILE B 49 30.17 26.63 26.31
N VAL B 50 31.03 26.45 25.31
CA VAL B 50 32.47 26.35 25.49
C VAL B 50 33.06 27.76 25.39
N GLY B 51 33.65 28.23 26.49
CA GLY B 51 34.15 29.60 26.55
C GLY B 51 35.13 29.86 25.40
N PRO B 52 35.02 31.00 24.69
CA PRO B 52 35.89 31.25 23.53
C PRO B 52 37.37 31.42 23.83
N PRO B 53 38.26 31.08 22.87
CA PRO B 53 39.71 31.23 23.04
C PRO B 53 40.13 32.67 23.32
N SER B 54 41.29 32.82 23.97
CA SER B 54 41.89 34.12 24.25
C SER B 54 40.93 35.06 24.99
N THR B 55 40.30 34.51 26.03
CA THR B 55 39.39 35.18 26.92
C THR B 55 39.62 34.53 28.29
N THR B 56 39.07 35.12 29.36
CA THR B 56 39.16 34.53 30.68
C THR B 56 38.08 33.47 30.87
N PHE B 57 37.23 33.30 29.86
CA PHE B 57 36.26 32.21 29.83
C PHE B 57 36.80 30.96 29.11
N GLU B 58 38.00 31.02 28.49
CA GLU B 58 38.37 30.09 27.43
C GLU B 58 38.29 28.64 27.88
N TYR B 59 37.65 27.83 27.03
CA TYR B 59 37.56 26.37 27.09
C TYR B 59 36.78 25.88 28.32
N ARG B 60 36.21 26.80 29.11
CA ARG B 60 35.36 26.36 30.20
C ARG B 60 34.10 25.72 29.59
N ILE B 61 33.69 24.58 30.17
CA ILE B 61 32.43 23.95 29.77
C ILE B 61 31.31 24.52 30.61
N LEU B 62 30.60 25.53 30.08
CA LEU B 62 29.62 26.23 30.87
C LEU B 62 28.23 25.66 30.61
N SER B 63 27.47 25.36 31.68
CA SER B 63 26.16 24.74 31.58
C SER B 63 25.08 25.79 31.84
N LEU B 64 23.99 25.68 31.07
CA LEU B 64 22.84 26.56 31.20
C LEU B 64 21.55 25.76 31.23
N GLU B 65 20.49 26.34 31.78
CA GLU B 65 19.17 25.77 31.67
C GLU B 65 18.33 26.77 30.87
N ILE B 66 17.48 26.21 29.98
CA ILE B 66 16.57 26.99 29.14
C ILE B 66 15.14 26.55 29.40
N TYR B 67 14.29 27.54 29.69
CA TYR B 67 12.88 27.32 29.86
C TYR B 67 12.13 28.03 28.73
N CYS B 68 11.39 27.27 27.92
CA CYS B 68 10.47 27.84 26.94
C CYS B 68 9.04 27.74 27.46
N ASP B 69 8.48 28.87 27.93
N ASP B 69 8.49 28.90 27.90
CA ASP B 69 7.17 28.87 28.55
CA ASP B 69 7.19 28.99 28.54
C ASP B 69 6.07 28.90 27.50
C ASP B 69 6.07 28.90 27.50
N GLU B 70 4.82 29.05 27.96
CA GLU B 70 3.62 29.12 27.12
C GLU B 70 3.81 30.00 25.89
N ASN B 71 4.56 31.11 26.03
CA ASN B 71 4.54 32.14 25.02
C ASN B 71 5.77 32.10 24.12
N TYR B 72 6.71 31.15 24.32
CA TYR B 72 7.84 31.00 23.42
C TYR B 72 7.33 30.66 22.01
N PRO B 73 7.93 31.17 20.90
CA PRO B 73 8.97 32.20 20.89
C PRO B 73 8.44 33.62 20.71
N LYS B 74 7.20 33.88 21.13
CA LYS B 74 6.62 35.22 21.03
C LYS B 74 7.36 36.15 21.98
N VAL B 75 7.70 35.61 23.15
CA VAL B 75 8.62 36.25 24.09
C VAL B 75 9.88 35.38 24.21
N PRO B 76 11.03 35.91 24.68
CA PRO B 76 12.28 35.14 24.64
C PRO B 76 12.25 33.93 25.57
N PRO B 77 13.16 32.94 25.40
CA PRO B 77 13.31 31.87 26.35
C PRO B 77 13.95 32.44 27.63
N HIS B 78 13.70 31.77 28.75
CA HIS B 78 14.36 32.09 30.01
C HIS B 78 15.63 31.27 30.10
N ILE B 79 16.78 31.95 30.11
CA ILE B 79 18.10 31.33 30.14
C ILE B 79 18.75 31.68 31.47
N ARG B 80 19.22 30.65 32.18
CA ARG B 80 19.97 30.80 33.43
C ARG B 80 21.30 30.06 33.26
N PHE B 81 22.40 30.71 33.64
CA PHE B 81 23.65 29.97 33.73
C PHE B 81 23.62 29.12 35.00
N LEU B 82 24.05 27.86 34.87
CA LEU B 82 24.26 27.00 36.02
C LEU B 82 25.71 27.12 36.49
N SER B 83 26.64 27.18 35.53
CA SER B 83 28.03 27.54 35.77
C SER B 83 28.10 29.04 36.07
N LYS B 84 28.81 29.40 37.14
CA LYS B 84 29.03 30.80 37.51
C LYS B 84 29.89 31.54 36.49
N VAL B 85 29.39 32.72 36.08
CA VAL B 85 30.08 33.59 35.14
C VAL B 85 30.05 35.01 35.69
N ASN B 86 31.06 35.79 35.26
CA ASN B 86 31.06 37.24 35.37
C ASN B 86 30.93 37.82 33.96
N LEU B 87 29.68 38.19 33.65
CA LEU B 87 29.28 38.72 32.35
C LEU B 87 28.17 39.73 32.60
N PRO B 88 28.21 40.91 31.96
CA PRO B 88 27.26 42.00 32.26
C PRO B 88 25.79 41.62 32.14
N CYS B 89 25.42 40.84 31.11
CA CYS B 89 24.02 40.55 30.90
C CYS B 89 23.54 39.43 31.81
N VAL B 90 24.43 38.90 32.66
CA VAL B 90 24.04 37.83 33.58
C VAL B 90 23.92 38.38 34.99
N ASP B 91 22.74 38.22 35.61
CA ASP B 91 22.51 38.72 36.97
C ASP B 91 23.18 37.79 37.99
N SER B 92 23.07 38.16 39.28
CA SER B 92 23.87 37.50 40.31
C SER B 92 23.30 36.12 40.64
N ASP B 93 22.10 35.81 40.14
CA ASP B 93 21.58 34.46 40.30
C ASP B 93 21.78 33.62 39.03
N GLY B 94 22.52 34.17 38.06
CA GLY B 94 22.80 33.47 36.80
C GLY B 94 21.78 33.74 35.68
N THR B 95 20.68 34.45 35.98
CA THR B 95 19.67 34.73 34.97
C THR B 95 20.25 35.64 33.87
N VAL B 96 19.95 35.31 32.61
CA VAL B 96 20.28 36.21 31.50
C VAL B 96 19.23 37.31 31.49
N ASN B 97 19.68 38.54 31.73
CA ASN B 97 18.87 39.74 31.90
C ASN B 97 18.25 40.17 30.57
N ARG B 98 16.94 40.39 30.58
CA ARG B 98 16.13 40.62 29.39
C ARG B 98 16.31 42.03 28.82
N GLU B 99 16.85 42.95 29.63
CA GLU B 99 17.07 44.32 29.18
C GLU B 99 18.52 44.53 28.78
N LYS B 100 19.42 43.65 29.24
CA LYS B 100 20.85 43.84 29.01
C LYS B 100 21.38 42.92 27.90
N PHE B 101 20.72 41.78 27.64
CA PHE B 101 21.23 40.92 26.56
C PHE B 101 20.63 41.44 25.26
N HIS B 102 21.47 41.89 24.32
CA HIS B 102 21.01 42.55 23.10
C HIS B 102 19.90 41.73 22.42
N VAL B 103 20.10 40.40 22.33
CA VAL B 103 19.16 39.52 21.66
C VAL B 103 17.78 39.59 22.29
N PHE B 104 17.72 39.83 23.59
CA PHE B 104 16.46 39.80 24.30
C PHE B 104 15.81 41.18 24.32
N LYS B 105 16.65 42.22 24.43
CA LYS B 105 16.18 43.61 24.48
C LYS B 105 15.39 43.91 23.22
N HIS B 106 15.96 43.53 22.06
CA HIS B 106 15.30 43.67 20.78
C HIS B 106 14.94 42.29 20.22
N TRP B 107 13.92 41.66 20.83
CA TRP B 107 13.62 40.24 20.62
C TRP B 107 12.98 40.07 19.24
N ASP B 108 13.60 39.23 18.40
CA ASP B 108 13.05 38.74 17.15
C ASP B 108 12.67 37.25 17.32
N ARG B 109 11.35 36.95 17.27
CA ARG B 109 10.76 35.62 17.13
C ARG B 109 11.72 34.59 16.51
N ARG B 110 12.43 34.99 15.46
CA ARG B 110 13.17 34.06 14.61
C ARG B 110 14.40 33.47 15.33
N THR B 111 14.77 34.08 16.45
CA THR B 111 16.01 33.76 17.14
C THR B 111 15.79 32.42 17.85
N THR B 112 16.68 31.46 17.58
CA THR B 112 16.55 30.13 18.17
C THR B 112 17.38 30.01 19.44
N MET B 113 17.10 28.97 20.24
CA MET B 113 17.91 28.75 21.45
C MET B 113 19.39 28.59 21.11
N GLU B 114 19.71 27.91 20.00
CA GLU B 114 21.10 27.79 19.60
C GLU B 114 21.74 29.16 19.30
N LEU B 115 21.02 30.03 18.59
CA LEU B 115 21.54 31.36 18.31
C LEU B 115 21.70 32.16 19.62
N CYS B 116 20.77 32.03 20.56
CA CYS B 116 20.92 32.69 21.87
C CYS B 116 22.24 32.31 22.52
N LEU B 117 22.58 31.02 22.49
CA LEU B 117 23.83 30.56 23.06
C LEU B 117 25.05 31.05 22.27
N SER B 118 25.02 31.02 20.91
CA SER B 118 26.13 31.56 20.14
CA SER B 118 26.14 31.55 20.16
C SER B 118 26.35 33.02 20.51
N GLU B 119 25.25 33.74 20.72
CA GLU B 119 25.25 35.17 21.04
C GLU B 119 25.73 35.44 22.46
N LEU B 120 25.40 34.56 23.42
CA LEU B 120 26.05 34.61 24.74
C LEU B 120 27.54 34.33 24.66
N ARG B 121 27.94 33.40 23.77
CA ARG B 121 29.34 33.09 23.58
C ARG B 121 30.11 34.25 22.95
N LYS B 122 29.50 34.97 22.01
CA LYS B 122 30.14 36.14 21.45
C LYS B 122 30.29 37.21 22.53
N GLU B 123 29.30 37.36 23.43
CA GLU B 123 29.34 38.33 24.52
C GLU B 123 30.62 38.16 25.34
N MET B 124 31.12 36.92 25.43
CA MET B 124 32.30 36.60 26.20
C MET B 124 33.56 37.04 25.46
N ALA B 125 33.48 37.14 24.12
CA ALA B 125 34.64 37.37 23.28
C ALA B 125 34.83 38.87 23.01
N GLN B 126 33.78 39.67 23.30
CA GLN B 126 33.80 41.11 23.08
C GLN B 126 35.06 41.70 23.69
N PRO B 127 35.63 42.78 23.13
CA PRO B 127 36.86 43.37 23.68
C PRO B 127 36.64 43.77 25.14
N GLN B 128 35.43 44.23 25.47
CA GLN B 128 35.19 44.78 26.79
C GLN B 128 35.07 43.68 27.85
N ASN B 129 34.63 42.48 27.45
CA ASN B 129 34.21 41.47 28.42
C ASN B 129 35.25 40.37 28.53
N ARG B 130 36.12 40.25 27.52
CA ARG B 130 37.05 39.15 27.38
C ARG B 130 38.11 39.13 28.50
N LYS B 131 38.07 40.12 29.42
CA LYS B 131 39.07 40.17 30.46
C LYS B 131 38.40 40.19 31.82
N LEU B 132 37.07 40.09 31.88
CA LEU B 132 36.38 40.07 33.16
C LEU B 132 36.91 38.89 33.97
N VAL B 133 37.30 39.15 35.22
CA VAL B 133 37.85 38.11 36.09
C VAL B 133 36.70 37.14 36.36
N GLN B 134 36.97 35.84 36.17
CA GLN B 134 35.94 34.82 36.34
C GLN B 134 36.07 34.16 37.72
N PRO B 135 35.01 33.52 38.26
CA PRO B 135 35.16 32.73 39.49
C PRO B 135 35.99 31.50 39.13
N PRO B 136 36.51 30.75 40.13
CA PRO B 136 37.24 29.53 39.82
C PRO B 136 36.41 28.63 38.90
N GLU B 137 37.13 27.95 38.02
CA GLU B 137 36.53 27.05 37.05
C GLU B 137 35.82 25.94 37.81
N GLY B 138 34.53 25.73 37.51
CA GLY B 138 33.69 24.69 38.09
C GLY B 138 32.68 25.26 39.07
N SER B 139 32.79 26.58 39.35
CA SER B 139 31.92 27.21 40.34
C SER B 139 30.49 27.21 39.80
N THR B 140 29.53 27.15 40.72
CA THR B 140 28.11 27.14 40.43
C THR B 140 27.51 28.23 41.30
N TYR B 141 26.24 28.63 41.04
CA TYR B 141 25.52 29.59 41.88
C TYR B 141 25.11 28.91 43.19
N THR C 6 -25.01 -7.97 -35.59
CA THR C 6 -25.53 -8.41 -36.93
C THR C 6 -26.98 -8.82 -36.78
N THR C 7 -27.71 -8.79 -37.90
CA THR C 7 -29.13 -9.12 -37.91
C THR C 7 -29.30 -10.63 -37.85
N ARG C 8 -28.18 -11.36 -37.95
CA ARG C 8 -28.26 -12.80 -37.90
C ARG C 8 -28.38 -13.30 -36.46
N ILE C 9 -27.59 -12.70 -35.56
CA ILE C 9 -27.63 -12.94 -34.12
C ILE C 9 -29.08 -12.84 -33.62
N ILE C 10 -29.78 -11.76 -33.99
CA ILE C 10 -31.16 -11.54 -33.61
C ILE C 10 -31.99 -12.76 -34.02
N LYS C 11 -31.91 -13.09 -35.32
CA LYS C 11 -32.60 -14.21 -35.96
C LYS C 11 -32.19 -15.53 -35.31
N GLU C 12 -30.93 -15.61 -34.84
CA GLU C 12 -30.44 -16.84 -34.24
C GLU C 12 -30.90 -16.92 -32.78
N THR C 13 -30.88 -15.79 -32.08
CA THR C 13 -31.31 -15.73 -30.69
C THR C 13 -32.75 -16.26 -30.60
N GLU C 14 -33.57 -15.94 -31.60
CA GLU C 14 -34.95 -16.38 -31.65
C GLU C 14 -35.07 -17.90 -31.72
N LYS C 15 -34.35 -18.52 -32.67
CA LYS C 15 -34.38 -19.97 -32.82
C LYS C 15 -33.89 -20.64 -31.54
N LEU C 16 -32.95 -19.99 -30.86
CA LEU C 16 -32.43 -20.55 -29.62
C LEU C 16 -33.50 -20.53 -28.52
N GLN C 17 -34.36 -19.49 -28.56
CA GLN C 17 -35.44 -19.30 -27.60
C GLN C 17 -36.62 -20.23 -27.89
N LYS C 18 -37.16 -20.13 -29.12
CA LYS C 18 -38.43 -20.76 -29.43
C LYS C 18 -38.24 -22.16 -29.98
N GLU C 19 -37.04 -22.46 -30.50
CA GLU C 19 -36.80 -23.64 -31.30
C GLU C 19 -35.52 -24.37 -30.88
N CYS C 20 -35.31 -24.53 -29.57
CA CYS C 20 -34.13 -25.23 -29.08
C CYS C 20 -34.39 -26.74 -29.21
N PRO C 21 -33.37 -27.57 -29.54
CA PRO C 21 -33.57 -29.00 -29.60
C PRO C 21 -34.11 -29.44 -28.25
N PRO C 22 -34.92 -30.51 -28.19
CA PRO C 22 -35.41 -31.01 -26.91
C PRO C 22 -34.19 -31.38 -26.07
N GLY C 23 -34.28 -31.13 -24.76
CA GLY C 23 -33.22 -31.49 -23.85
C GLY C 23 -32.24 -30.33 -23.62
N ILE C 24 -32.44 -29.23 -24.37
CA ILE C 24 -31.46 -28.15 -24.49
C ILE C 24 -32.15 -26.81 -24.25
N THR C 25 -31.50 -25.93 -23.48
CA THR C 25 -31.88 -24.53 -23.42
C THR C 25 -30.66 -23.65 -23.71
N ALA C 26 -30.92 -22.42 -24.15
CA ALA C 26 -29.88 -21.43 -24.44
C ALA C 26 -30.51 -20.04 -24.30
N THR C 27 -29.95 -19.24 -23.38
CA THR C 27 -30.53 -17.99 -22.94
C THR C 27 -29.43 -16.93 -22.95
N PRO C 28 -29.56 -15.82 -23.72
CA PRO C 28 -28.60 -14.72 -23.63
C PRO C 28 -28.63 -14.12 -22.23
N THR C 29 -27.47 -13.63 -21.78
CA THR C 29 -27.41 -12.80 -20.58
C THR C 29 -27.89 -11.41 -20.97
N LYS C 30 -28.40 -10.68 -19.97
CA LYS C 30 -28.94 -9.34 -20.13
C LYS C 30 -27.83 -8.37 -20.54
N GLU C 31 -26.65 -8.56 -19.96
CA GLU C 31 -25.52 -7.64 -20.08
C GLU C 31 -24.83 -7.82 -21.43
N ASN C 32 -24.85 -9.05 -21.96
CA ASN C 32 -24.08 -9.37 -23.14
C ASN C 32 -24.87 -10.28 -24.07
N PRO C 33 -25.54 -9.71 -25.10
CA PRO C 33 -26.43 -10.50 -25.97
C PRO C 33 -25.65 -11.57 -26.75
N ARG C 34 -24.32 -11.54 -26.65
CA ARG C 34 -23.50 -12.51 -27.33
C ARG C 34 -23.09 -13.62 -26.36
N TYR C 35 -23.49 -13.51 -25.08
CA TYR C 35 -23.09 -14.48 -24.06
C TYR C 35 -24.29 -15.33 -23.67
N PHE C 36 -24.21 -16.65 -23.89
CA PHE C 36 -25.35 -17.53 -23.64
C PHE C 36 -25.05 -18.52 -22.52
N MET C 37 -26.00 -18.69 -21.59
CA MET C 37 -25.96 -19.77 -20.63
C MET C 37 -26.79 -20.90 -21.22
N VAL C 38 -26.22 -22.11 -21.22
CA VAL C 38 -26.79 -23.24 -21.95
C VAL C 38 -26.95 -24.41 -20.97
N THR C 39 -28.03 -25.18 -21.15
CA THR C 39 -28.16 -26.43 -20.43
C THR C 39 -28.45 -27.54 -21.43
N ILE C 40 -27.86 -28.71 -21.16
CA ILE C 40 -28.11 -29.91 -21.94
C ILE C 40 -28.36 -31.03 -20.96
N GLN C 41 -29.52 -31.70 -21.10
CA GLN C 41 -29.78 -32.86 -20.26
C GLN C 41 -28.91 -34.01 -20.77
N GLY C 42 -28.37 -34.81 -19.87
CA GLY C 42 -27.64 -36.00 -20.31
C GLY C 42 -28.58 -36.91 -21.11
N PRO C 43 -28.24 -37.31 -22.36
CA PRO C 43 -29.14 -38.08 -23.21
C PRO C 43 -29.64 -39.35 -22.50
N PRO C 44 -30.96 -39.65 -22.59
CA PRO C 44 -31.52 -40.89 -22.04
C PRO C 44 -30.80 -42.12 -22.61
N GLN C 45 -30.52 -43.06 -21.71
CA GLN C 45 -29.83 -44.32 -21.97
C GLN C 45 -28.32 -44.16 -21.92
N SER C 46 -27.84 -42.93 -22.15
CA SER C 46 -26.41 -42.68 -22.16
C SER C 46 -25.89 -42.80 -20.73
N CYS C 47 -24.57 -42.86 -20.55
CA CYS C 47 -24.06 -42.88 -19.19
C CYS C 47 -24.31 -41.55 -18.47
N TYR C 48 -24.74 -40.52 -19.20
CA TYR C 48 -24.99 -39.20 -18.60
C TYR C 48 -26.46 -39.00 -18.24
N GLU C 49 -27.32 -40.00 -18.48
CA GLU C 49 -28.75 -39.74 -18.28
C GLU C 49 -29.02 -39.32 -16.83
N GLY C 50 -30.05 -38.50 -16.67
CA GLY C 50 -30.43 -37.93 -15.39
C GLY C 50 -29.67 -36.65 -15.07
N GLY C 51 -28.52 -36.44 -15.74
CA GLY C 51 -27.71 -35.25 -15.50
C GLY C 51 -28.29 -34.01 -16.17
N LEU C 52 -28.01 -32.82 -15.58
CA LEU C 52 -28.25 -31.56 -16.25
C LEU C 52 -26.91 -30.85 -16.31
N PHE C 53 -26.44 -30.65 -17.55
CA PHE C 53 -25.09 -30.13 -17.75
C PHE C 53 -25.18 -28.67 -18.16
N ARG C 54 -24.43 -27.82 -17.47
CA ARG C 54 -24.46 -26.40 -17.79
C ARG C 54 -23.22 -26.09 -18.62
N LEU C 55 -23.42 -25.28 -19.67
CA LEU C 55 -22.34 -24.78 -20.50
C LEU C 55 -22.48 -23.25 -20.61
N GLU C 56 -21.45 -22.62 -21.18
CA GLU C 56 -21.50 -21.20 -21.50
C GLU C 56 -21.01 -21.08 -22.95
N LEU C 57 -21.55 -20.11 -23.70
CA LEU C 57 -21.28 -19.98 -25.12
C LEU C 57 -21.12 -18.50 -25.46
N PHE C 58 -20.14 -18.18 -26.33
CA PHE C 58 -19.93 -16.79 -26.70
C PHE C 58 -19.77 -16.69 -28.21
N LEU C 59 -20.41 -15.65 -28.79
CA LEU C 59 -20.26 -15.40 -30.21
C LEU C 59 -19.18 -14.34 -30.41
N PRO C 60 -17.95 -14.66 -30.86
CA PRO C 60 -16.91 -13.64 -30.97
C PRO C 60 -17.16 -12.69 -32.14
N GLU C 61 -16.41 -11.59 -32.20
CA GLU C 61 -16.71 -10.46 -33.08
C GLU C 61 -16.71 -10.87 -34.55
N GLU C 62 -15.99 -11.95 -34.86
CA GLU C 62 -15.84 -12.40 -36.23
C GLU C 62 -16.91 -13.41 -36.60
N TYR C 63 -17.71 -13.86 -35.62
CA TYR C 63 -18.86 -14.73 -35.89
C TYR C 63 -19.70 -14.07 -36.98
N PRO C 64 -20.16 -14.76 -38.05
CA PRO C 64 -20.08 -16.22 -38.17
C PRO C 64 -18.88 -16.80 -38.94
N MET C 65 -17.90 -15.95 -39.27
CA MET C 65 -16.73 -16.41 -40.02
C MET C 65 -15.85 -17.29 -39.14
N LYS C 66 -16.06 -17.17 -37.82
CA LYS C 66 -15.37 -18.00 -36.86
C LYS C 66 -16.42 -18.58 -35.91
N PRO C 67 -16.26 -19.83 -35.46
CA PRO C 67 -17.29 -20.54 -34.71
C PRO C 67 -17.58 -19.86 -33.37
N PRO C 68 -18.73 -20.14 -32.70
CA PRO C 68 -18.91 -19.68 -31.33
C PRO C 68 -17.89 -20.41 -30.46
N LYS C 69 -17.68 -19.84 -29.27
CA LYS C 69 -16.85 -20.45 -28.24
C LYS C 69 -17.80 -21.06 -27.22
N VAL C 70 -17.55 -22.30 -26.84
CA VAL C 70 -18.49 -22.93 -25.92
C VAL C 70 -17.72 -23.96 -25.11
N ARG C 71 -18.05 -24.09 -23.82
CA ARG C 71 -17.39 -25.05 -22.96
C ARG C 71 -18.38 -25.50 -21.89
N PHE C 72 -18.08 -26.66 -21.32
CA PHE C 72 -18.88 -27.12 -20.18
C PHE C 72 -18.46 -26.37 -18.92
N LEU C 73 -19.44 -26.00 -18.09
CA LEU C 73 -19.17 -25.60 -16.72
C LEU C 73 -19.26 -26.82 -15.82
N THR C 74 -20.36 -27.59 -15.96
CA THR C 74 -20.52 -28.80 -15.18
C THR C 74 -19.35 -29.74 -15.49
N ARG C 75 -18.78 -30.36 -14.46
CA ARG C 75 -17.79 -31.43 -14.65
C ARG C 75 -18.44 -32.61 -15.38
N ILE C 76 -17.75 -33.18 -16.38
CA ILE C 76 -18.25 -34.33 -17.12
C ILE C 76 -17.08 -35.25 -17.45
N TYR C 77 -17.34 -36.57 -17.39
CA TYR C 77 -16.32 -37.57 -17.66
C TYR C 77 -16.52 -38.08 -19.09
N HIS C 78 -15.66 -37.59 -19.99
CA HIS C 78 -15.95 -37.70 -21.40
C HIS C 78 -14.63 -37.59 -22.17
N PRO C 79 -14.37 -38.44 -23.19
CA PRO C 79 -13.03 -38.48 -23.80
C PRO C 79 -12.69 -37.24 -24.63
N ASN C 80 -13.68 -36.37 -24.86
CA ASN C 80 -13.56 -35.20 -25.73
C ASN C 80 -13.88 -33.91 -24.96
N VAL C 81 -13.96 -33.98 -23.64
CA VAL C 81 -14.09 -32.81 -22.79
C VAL C 81 -12.95 -32.81 -21.78
N ASP C 82 -12.15 -31.71 -21.74
CA ASP C 82 -11.00 -31.68 -20.84
C ASP C 82 -11.40 -31.25 -19.43
N LYS C 83 -10.40 -31.04 -18.56
CA LYS C 83 -10.67 -30.82 -17.14
C LYS C 83 -11.18 -29.40 -16.87
N VAL C 84 -11.12 -28.53 -17.87
CA VAL C 84 -11.66 -27.19 -17.71
C VAL C 84 -12.93 -27.01 -18.56
N GLY C 85 -13.48 -28.12 -19.04
CA GLY C 85 -14.73 -28.10 -19.79
C GLY C 85 -14.58 -27.89 -21.30
N ARG C 86 -13.36 -27.76 -21.81
CA ARG C 86 -13.19 -27.52 -23.24
C ARG C 86 -13.60 -28.74 -24.06
N ILE C 87 -14.21 -28.51 -25.22
CA ILE C 87 -14.84 -29.56 -26.00
C ILE C 87 -14.05 -29.77 -27.28
N CYS C 88 -13.58 -31.00 -27.50
CA CYS C 88 -12.97 -31.31 -28.79
C CYS C 88 -14.06 -31.78 -29.78
N LEU C 89 -14.56 -30.86 -30.61
CA LEU C 89 -15.62 -31.11 -31.59
C LEU C 89 -15.27 -30.34 -32.84
N ASP C 90 -15.33 -31.02 -33.99
CA ASP C 90 -14.78 -30.48 -35.23
C ASP C 90 -15.51 -29.19 -35.66
N ILE C 91 -16.86 -29.16 -35.59
CA ILE C 91 -17.55 -28.05 -36.20
C ILE C 91 -17.27 -26.75 -35.43
N ILE C 92 -16.68 -26.83 -34.23
CA ILE C 92 -16.34 -25.59 -33.52
C ILE C 92 -14.84 -25.35 -33.51
N LYS C 93 -14.13 -25.99 -34.45
CA LYS C 93 -12.67 -25.98 -34.57
C LYS C 93 -12.34 -26.02 -36.05
N ASP C 94 -11.88 -27.19 -36.51
CA ASP C 94 -11.53 -27.50 -37.88
C ASP C 94 -12.67 -27.12 -38.85
N LYS C 95 -13.83 -27.76 -38.70
CA LYS C 95 -14.84 -27.89 -39.75
C LYS C 95 -15.99 -26.89 -39.55
N TRP C 96 -15.69 -25.72 -38.99
CA TRP C 96 -16.71 -24.69 -38.89
C TRP C 96 -17.15 -24.27 -40.29
N SER C 97 -18.44 -24.04 -40.47
CA SER C 97 -18.92 -23.35 -41.65
C SER C 97 -19.77 -22.18 -41.18
N PRO C 98 -19.67 -20.98 -41.79
CA PRO C 98 -20.58 -19.87 -41.45
C PRO C 98 -22.09 -20.19 -41.58
N ALA C 99 -22.43 -21.31 -42.22
CA ALA C 99 -23.79 -21.76 -42.44
C ALA C 99 -24.36 -22.48 -41.20
N LEU C 100 -23.51 -22.91 -40.27
CA LEU C 100 -24.04 -23.64 -39.12
C LEU C 100 -24.66 -22.68 -38.11
N LEU C 101 -25.69 -23.16 -37.41
CA LEU C 101 -26.42 -22.32 -36.48
C LEU C 101 -26.02 -22.70 -35.07
N ILE C 102 -26.19 -21.76 -34.12
CA ILE C 102 -25.94 -22.09 -32.73
C ILE C 102 -26.79 -23.29 -32.36
N ASN C 103 -28.06 -23.22 -32.78
CA ASN C 103 -29.06 -24.25 -32.55
C ASN C 103 -28.42 -25.62 -32.78
N LYS C 104 -27.67 -25.76 -33.89
CA LYS C 104 -27.25 -27.08 -34.31
C LYS C 104 -25.85 -27.42 -33.78
N VAL C 105 -25.11 -26.43 -33.28
CA VAL C 105 -23.86 -26.69 -32.57
C VAL C 105 -24.24 -27.36 -31.25
N LEU C 106 -25.32 -26.89 -30.64
CA LEU C 106 -25.70 -27.46 -29.35
C LEU C 106 -26.21 -28.88 -29.54
N LEU C 107 -27.00 -29.08 -30.61
CA LEU C 107 -27.43 -30.42 -30.99
C LEU C 107 -26.22 -31.34 -31.15
N SER C 108 -25.13 -30.81 -31.69
CA SER C 108 -23.96 -31.63 -31.99
C SER C 108 -23.22 -32.05 -30.72
N ILE C 109 -23.10 -31.13 -29.76
CA ILE C 109 -22.60 -31.46 -28.43
C ILE C 109 -23.48 -32.52 -27.77
N GLN C 110 -24.79 -32.36 -27.86
CA GLN C 110 -25.66 -33.42 -27.32
C GLN C 110 -25.33 -34.78 -27.94
N ILE C 111 -25.16 -34.79 -29.26
CA ILE C 111 -24.84 -36.04 -29.97
C ILE C 111 -23.51 -36.58 -29.47
N LEU C 112 -22.56 -35.68 -29.22
CA LEU C 112 -21.23 -36.04 -28.78
C LEU C 112 -21.28 -36.74 -27.43
N MET C 113 -22.18 -36.30 -26.54
CA MET C 113 -22.35 -36.93 -25.24
C MET C 113 -22.88 -38.37 -25.43
N SER C 114 -23.81 -38.59 -26.37
CA SER C 114 -24.33 -39.92 -26.73
C SER C 114 -23.24 -40.82 -27.31
N SER C 115 -22.48 -40.26 -28.26
CA SER C 115 -21.47 -41.03 -28.99
C SER C 115 -20.10 -40.39 -28.83
N PRO C 116 -19.41 -40.58 -27.69
CA PRO C 116 -18.02 -40.13 -27.55
C PRO C 116 -17.10 -40.62 -28.67
N ASN C 117 -16.11 -39.79 -29.04
CA ASN C 117 -15.10 -40.17 -30.02
C ASN C 117 -13.76 -40.42 -29.32
N PRO C 118 -13.54 -41.64 -28.78
CA PRO C 118 -12.36 -41.90 -27.96
C PRO C 118 -11.10 -42.08 -28.80
N ASP C 119 -11.28 -42.09 -30.14
CA ASP C 119 -10.19 -42.26 -31.10
C ASP C 119 -9.58 -40.91 -31.50
N ASP C 120 -10.20 -39.81 -31.03
CA ASP C 120 -9.79 -38.48 -31.46
C ASP C 120 -8.26 -38.39 -31.36
N PRO C 121 -7.58 -37.83 -32.38
CA PRO C 121 -6.11 -37.82 -32.39
C PRO C 121 -5.49 -36.93 -31.31
N LEU C 122 -6.30 -36.02 -30.75
CA LEU C 122 -5.93 -35.33 -29.53
C LEU C 122 -6.19 -36.28 -28.36
N ALA C 123 -5.19 -37.15 -28.11
CA ALA C 123 -5.29 -38.24 -27.16
C ALA C 123 -5.12 -37.72 -25.73
N ASN C 124 -5.98 -38.21 -24.84
CA ASN C 124 -6.01 -37.79 -23.45
C ASN C 124 -6.36 -39.01 -22.58
N ASP C 125 -6.24 -38.84 -21.26
CA ASP C 125 -6.32 -39.94 -20.30
C ASP C 125 -7.73 -40.56 -20.28
N VAL C 126 -8.75 -39.72 -20.34
CA VAL C 126 -10.12 -40.22 -20.40
C VAL C 126 -10.31 -41.06 -21.67
N ALA C 127 -9.79 -40.57 -22.80
CA ALA C 127 -9.93 -41.31 -24.05
C ALA C 127 -9.23 -42.65 -23.93
N GLU C 128 -8.06 -42.64 -23.26
CA GLU C 128 -7.34 -43.88 -23.00
C GLU C 128 -8.22 -44.86 -22.21
N HIS C 129 -8.90 -44.36 -21.16
CA HIS C 129 -9.77 -45.19 -20.36
C HIS C 129 -10.86 -45.78 -21.26
N TRP C 130 -11.45 -44.95 -22.13
CA TRP C 130 -12.52 -45.41 -23.00
C TRP C 130 -11.98 -46.54 -23.88
N LYS C 131 -10.70 -46.43 -24.29
CA LYS C 131 -10.11 -47.37 -25.23
C LYS C 131 -9.74 -48.68 -24.52
N GLU C 132 -9.36 -48.56 -23.26
CA GLU C 132 -8.83 -49.67 -22.47
C GLU C 132 -9.98 -50.53 -21.96
N ASP C 133 -10.97 -49.88 -21.34
CA ASP C 133 -12.03 -50.55 -20.61
C ASP C 133 -13.29 -49.69 -20.68
N GLU C 134 -13.95 -49.72 -21.84
CA GLU C 134 -15.14 -48.93 -22.07
C GLU C 134 -16.14 -49.11 -20.94
N ALA C 135 -16.40 -50.37 -20.56
CA ALA C 135 -17.35 -50.66 -19.50
C ALA C 135 -17.02 -49.86 -18.24
N SER C 136 -15.73 -49.81 -17.88
CA SER C 136 -15.30 -49.10 -16.68
C SER C 136 -15.48 -47.58 -16.85
N ALA C 137 -15.20 -47.08 -18.04
CA ALA C 137 -15.16 -45.65 -18.31
C ALA C 137 -16.60 -45.13 -18.25
N LEU C 138 -17.53 -45.96 -18.73
CA LEU C 138 -18.94 -45.64 -18.68
C LEU C 138 -19.42 -45.59 -17.22
N GLN C 139 -18.94 -46.51 -16.36
CA GLN C 139 -19.37 -46.54 -14.98
C GLN C 139 -18.92 -45.25 -14.28
N THR C 140 -17.71 -44.82 -14.63
CA THR C 140 -17.15 -43.62 -14.02
C THR C 140 -18.01 -42.43 -14.44
N ALA C 141 -18.37 -42.39 -15.72
CA ALA C 141 -19.19 -41.32 -16.24
C ALA C 141 -20.50 -41.23 -15.45
N ARG C 142 -21.07 -42.39 -15.16
CA ARG C 142 -22.33 -42.43 -14.42
C ARG C 142 -22.14 -41.87 -13.02
N GLU C 143 -21.05 -42.25 -12.35
CA GLU C 143 -20.77 -41.73 -11.02
C GLU C 143 -20.61 -40.21 -11.05
N TRP C 144 -19.88 -39.70 -12.05
CA TRP C 144 -19.58 -38.28 -12.15
C TRP C 144 -20.88 -37.52 -12.46
N THR C 145 -21.78 -38.18 -13.21
CA THR C 145 -23.11 -37.63 -13.44
C THR C 145 -23.84 -37.44 -12.12
N ARG C 146 -23.84 -38.47 -11.26
CA ARG C 146 -24.56 -38.39 -10.00
C ARG C 146 -23.92 -37.33 -9.10
N LYS C 147 -22.59 -37.35 -9.04
CA LYS C 147 -21.81 -36.49 -8.15
C LYS C 147 -21.84 -35.03 -8.60
N TYR C 148 -21.88 -34.78 -9.92
CA TYR C 148 -21.54 -33.45 -10.43
C TYR C 148 -22.69 -32.80 -11.18
N ALA C 149 -23.65 -33.56 -11.72
CA ALA C 149 -24.59 -33.02 -12.69
C ALA C 149 -26.03 -33.18 -12.25
N LYS C 150 -26.27 -33.48 -10.96
CA LYS C 150 -27.62 -33.55 -10.40
C LYS C 150 -28.45 -32.34 -10.86
N PRO C 151 -29.67 -32.52 -11.42
CA PRO C 151 -30.53 -31.38 -11.77
C PRO C 151 -30.97 -30.68 -10.48
N MET D 4 -19.39 -2.23 -29.77
CA MET D 4 -18.22 -2.95 -29.19
C MET D 4 -18.66 -4.36 -28.79
N VAL D 5 -17.83 -5.33 -29.16
CA VAL D 5 -18.01 -6.71 -28.76
C VAL D 5 -17.25 -6.93 -27.45
N GLU D 6 -18.02 -7.12 -26.35
CA GLU D 6 -17.49 -7.42 -25.04
C GLU D 6 -17.28 -8.94 -24.87
N VAL D 7 -16.01 -9.33 -24.78
CA VAL D 7 -15.60 -10.68 -24.42
C VAL D 7 -15.85 -10.90 -22.92
N PRO D 8 -16.63 -11.93 -22.51
CA PRO D 8 -16.85 -12.23 -21.08
C PRO D 8 -15.54 -12.63 -20.39
N ARG D 9 -15.42 -12.34 -19.09
CA ARG D 9 -14.28 -12.70 -18.27
C ARG D 9 -13.82 -14.16 -18.53
N ASN D 10 -14.73 -15.14 -18.49
CA ASN D 10 -14.31 -16.54 -18.56
C ASN D 10 -13.64 -16.85 -19.91
N PHE D 11 -14.15 -16.26 -21.00
CA PHE D 11 -13.61 -16.47 -22.33
C PHE D 11 -12.28 -15.75 -22.50
N ARG D 12 -12.13 -14.56 -21.89
CA ARG D 12 -10.82 -13.89 -21.88
C ARG D 12 -9.82 -14.84 -21.21
N LEU D 13 -10.20 -15.39 -20.06
CA LEU D 13 -9.29 -16.28 -19.34
C LEU D 13 -9.00 -17.55 -20.13
N LEU D 14 -10.00 -18.09 -20.87
CA LEU D 14 -9.69 -19.23 -21.74
C LEU D 14 -8.68 -18.84 -22.83
N GLU D 15 -8.80 -17.62 -23.36
CA GLU D 15 -7.85 -17.12 -24.34
C GLU D 15 -6.43 -17.13 -23.76
N GLU D 16 -6.26 -16.53 -22.57
CA GLU D 16 -4.92 -16.50 -21.95
C GLU D 16 -4.45 -17.92 -21.66
N LEU D 17 -5.38 -18.80 -21.26
CA LEU D 17 -5.01 -20.20 -21.04
C LEU D 17 -4.41 -20.81 -22.32
N GLU D 18 -5.00 -20.48 -23.48
CA GLU D 18 -4.63 -21.03 -24.78
CA GLU D 18 -4.57 -21.10 -24.72
C GLU D 18 -3.31 -20.41 -25.24
N THR D 19 -3.15 -19.12 -24.93
CA THR D 19 -1.92 -18.41 -25.28
C THR D 19 -0.73 -19.04 -24.57
N GLY D 20 -0.91 -19.36 -23.28
CA GLY D 20 0.08 -20.05 -22.47
C GLY D 20 0.40 -21.45 -22.98
N GLU D 21 -0.59 -22.11 -23.60
CA GLU D 21 -0.38 -23.45 -24.11
C GLU D 21 0.33 -23.38 -25.46
N LYS D 22 -0.06 -22.40 -26.29
CA LYS D 22 0.39 -22.38 -27.66
C LYS D 22 1.83 -21.86 -27.74
N GLY D 23 2.28 -21.19 -26.67
CA GLY D 23 3.58 -20.54 -26.67
C GLY D 23 3.60 -19.26 -27.50
N THR D 24 2.42 -18.66 -27.67
CA THR D 24 2.26 -17.50 -28.53
C THR D 24 2.55 -16.22 -27.72
N ASN D 27 7.58 -13.24 -24.91
CA ASN D 27 8.72 -13.30 -23.95
C ASN D 27 8.79 -14.69 -23.31
N GLN D 28 9.78 -15.49 -23.70
CA GLN D 28 10.05 -16.81 -23.14
C GLN D 28 10.45 -16.77 -21.67
N ASN D 29 10.80 -15.58 -21.14
CA ASN D 29 11.38 -15.54 -19.81
C ASN D 29 10.36 -15.24 -18.70
N VAL D 30 9.07 -15.30 -19.03
CA VAL D 30 8.01 -15.31 -18.05
C VAL D 30 7.01 -16.35 -18.51
N SER D 31 6.26 -16.93 -17.55
CA SER D 31 5.17 -17.82 -17.90
C SER D 31 4.03 -17.71 -16.89
N VAL D 32 2.85 -18.06 -17.36
CA VAL D 32 1.61 -17.98 -16.59
C VAL D 32 0.96 -19.35 -16.77
N GLY D 33 0.46 -19.95 -15.69
CA GLY D 33 -0.44 -21.09 -15.86
C GLY D 33 -1.51 -21.11 -14.77
N LEU D 34 -2.56 -21.90 -15.03
CA LEU D 34 -3.62 -22.12 -14.05
C LEU D 34 -3.04 -22.78 -12.78
N ARG D 35 -3.44 -22.33 -11.59
CA ARG D 35 -2.88 -22.92 -10.39
C ARG D 35 -3.18 -24.43 -10.34
N ASP D 36 -4.41 -24.78 -10.71
CA ASP D 36 -4.95 -26.12 -10.70
C ASP D 36 -6.24 -26.07 -11.52
N THR D 37 -6.92 -27.20 -11.64
CA THR D 37 -8.14 -27.26 -12.42
C THR D 37 -9.35 -27.36 -11.47
N ALA D 38 -9.14 -27.07 -10.17
CA ALA D 38 -10.21 -27.16 -9.17
C ALA D 38 -11.27 -26.07 -9.34
N ASP D 39 -10.89 -24.94 -9.96
CA ASP D 39 -11.79 -23.81 -10.12
C ASP D 39 -12.14 -23.62 -11.60
N ILE D 40 -13.39 -23.93 -11.92
CA ILE D 40 -13.82 -23.85 -13.31
C ILE D 40 -13.89 -22.37 -13.73
N PHE D 41 -13.75 -21.43 -12.77
CA PHE D 41 -13.87 -20.01 -13.07
C PHE D 41 -12.51 -19.32 -13.08
N PHE D 42 -11.45 -20.13 -12.96
CA PHE D 42 -10.08 -19.71 -13.21
C PHE D 42 -9.66 -18.51 -12.36
N HIS D 43 -9.95 -18.53 -11.06
CA HIS D 43 -9.55 -17.41 -10.22
C HIS D 43 -8.03 -17.39 -9.99
N TYR D 44 -7.37 -18.55 -9.87
CA TYR D 44 -6.02 -18.57 -9.35
C TYR D 44 -5.04 -19.04 -10.42
N TRP D 45 -3.97 -18.26 -10.58
CA TRP D 45 -2.95 -18.55 -11.58
C TRP D 45 -1.57 -18.45 -10.94
N ASN D 46 -0.62 -19.21 -11.52
CA ASN D 46 0.76 -19.12 -11.07
C ASN D 46 1.53 -18.35 -12.12
N GLY D 47 2.47 -17.50 -11.66
CA GLY D 47 3.39 -16.91 -12.62
C GLY D 47 4.84 -17.29 -12.28
N THR D 48 5.69 -17.26 -13.31
CA THR D 48 7.12 -17.43 -13.11
C THR D 48 7.80 -16.29 -13.85
N ILE D 49 8.78 -15.66 -13.22
CA ILE D 49 9.64 -14.70 -13.90
C ILE D 49 11.07 -15.26 -13.81
N VAL D 50 11.76 -15.41 -14.95
CA VAL D 50 13.20 -15.63 -14.95
C VAL D 50 13.90 -14.27 -14.88
N GLY D 51 14.72 -14.08 -13.84
CA GLY D 51 15.33 -12.78 -13.56
C GLY D 51 16.18 -12.32 -14.75
N PRO D 52 16.12 -11.04 -15.18
CA PRO D 52 16.74 -10.65 -16.46
C PRO D 52 18.26 -10.63 -16.32
N PRO D 53 18.98 -10.77 -17.46
CA PRO D 53 20.45 -10.71 -17.47
C PRO D 53 21.01 -9.33 -17.10
N SER D 54 22.27 -9.31 -16.64
CA SER D 54 22.99 -8.09 -16.25
C SER D 54 22.27 -7.37 -15.11
N THR D 55 21.84 -8.15 -14.12
CA THR D 55 20.96 -7.66 -13.07
C THR D 55 21.21 -8.54 -11.85
N THR D 56 20.93 -8.03 -10.65
CA THR D 56 21.13 -8.86 -9.46
C THR D 56 20.06 -9.95 -9.34
N PHE D 57 19.03 -9.88 -10.18
CA PHE D 57 17.95 -10.87 -10.17
C PHE D 57 18.28 -11.97 -11.17
N GLU D 58 19.41 -11.87 -11.88
CA GLU D 58 19.58 -12.62 -13.11
C GLU D 58 19.43 -14.13 -12.89
N TYR D 59 18.70 -14.76 -13.82
CA TYR D 59 18.52 -16.20 -13.93
C TYR D 59 17.79 -16.83 -12.74
N ARG D 60 17.34 -16.03 -11.75
CA ARG D 60 16.51 -16.55 -10.66
C ARG D 60 15.12 -16.96 -11.14
N ILE D 61 14.61 -18.05 -10.56
CA ILE D 61 13.29 -18.52 -10.96
C ILE D 61 12.32 -17.99 -9.91
N LEU D 62 11.55 -16.97 -10.27
CA LEU D 62 10.78 -16.30 -9.24
C LEU D 62 9.30 -16.61 -9.46
N SER D 63 8.63 -17.03 -8.38
CA SER D 63 7.27 -17.54 -8.42
C SER D 63 6.34 -16.47 -7.89
N LEU D 64 5.16 -16.38 -8.54
CA LEU D 64 4.15 -15.41 -8.13
C LEU D 64 2.80 -16.15 -8.08
N GLU D 65 1.86 -15.54 -7.34
CA GLU D 65 0.47 -15.94 -7.36
C GLU D 65 -0.32 -14.79 -7.94
N ILE D 66 -1.29 -15.13 -8.80
CA ILE D 66 -2.09 -14.14 -9.50
C ILE D 66 -3.55 -14.52 -9.31
N TYR D 67 -4.37 -13.54 -8.90
CA TYR D 67 -5.79 -13.76 -8.70
C TYR D 67 -6.51 -12.84 -9.68
N CYS D 68 -7.34 -13.45 -10.55
CA CYS D 68 -8.16 -12.63 -11.43
C CYS D 68 -9.56 -12.59 -10.83
N ASP D 69 -9.97 -11.40 -10.42
CA ASP D 69 -11.27 -11.32 -9.75
C ASP D 69 -12.40 -11.20 -10.78
N GLU D 70 -13.62 -10.91 -10.29
CA GLU D 70 -14.83 -11.03 -11.10
C GLU D 70 -14.89 -9.95 -12.16
N ASN D 71 -14.11 -8.87 -11.95
CA ASN D 71 -14.10 -7.77 -12.92
C ASN D 71 -12.85 -7.76 -13.80
N TYR D 72 -12.00 -8.78 -13.74
CA TYR D 72 -10.90 -8.89 -14.68
C TYR D 72 -11.53 -9.11 -16.07
N PRO D 73 -11.04 -8.55 -17.20
CA PRO D 73 -9.85 -7.69 -17.25
C PRO D 73 -10.15 -6.19 -17.27
N LYS D 74 -11.33 -5.78 -16.76
CA LYS D 74 -11.65 -4.36 -16.72
C LYS D 74 -10.78 -3.67 -15.66
N VAL D 75 -10.30 -4.47 -14.69
CA VAL D 75 -9.38 -4.02 -13.65
C VAL D 75 -8.18 -4.98 -13.63
N PRO D 76 -7.03 -4.57 -13.06
CA PRO D 76 -5.84 -5.42 -13.10
C PRO D 76 -6.05 -6.70 -12.30
N PRO D 77 -5.28 -7.75 -12.60
CA PRO D 77 -5.25 -8.94 -11.75
C PRO D 77 -4.53 -8.55 -10.46
N HIS D 78 -4.70 -9.33 -9.40
CA HIS D 78 -3.99 -9.10 -8.16
C HIS D 78 -2.75 -9.99 -8.19
N ILE D 79 -1.56 -9.38 -8.07
CA ILE D 79 -0.31 -10.13 -8.23
C ILE D 79 0.56 -9.98 -6.98
N ARG D 80 1.07 -11.11 -6.47
CA ARG D 80 1.96 -11.14 -5.32
C ARG D 80 3.10 -12.11 -5.58
N PHE D 81 4.33 -11.64 -5.32
CA PHE D 81 5.48 -12.52 -5.40
C PHE D 81 5.45 -13.47 -4.22
N LEU D 82 5.73 -14.75 -4.52
CA LEU D 82 5.98 -15.77 -3.50
C LEU D 82 7.47 -15.80 -3.17
N SER D 83 8.31 -15.79 -4.22
CA SER D 83 9.74 -15.59 -4.08
C SER D 83 9.99 -14.18 -3.58
N LYS D 84 10.87 -14.06 -2.58
CA LYS D 84 11.25 -12.78 -2.02
C LYS D 84 12.06 -12.02 -3.06
N VAL D 85 11.67 -10.76 -3.30
CA VAL D 85 12.44 -9.84 -4.15
C VAL D 85 12.61 -8.52 -3.41
N ASN D 86 13.67 -7.78 -3.76
CA ASN D 86 13.87 -6.39 -3.35
C ASN D 86 13.68 -5.52 -4.58
N LEU D 87 12.49 -4.95 -4.67
CA LEU D 87 12.06 -4.24 -5.87
C LEU D 87 11.08 -3.18 -5.41
N PRO D 88 11.30 -1.88 -5.72
CA PRO D 88 10.49 -0.82 -5.12
C PRO D 88 8.96 -0.99 -5.24
N CYS D 89 8.48 -1.48 -6.39
CA CYS D 89 7.04 -1.62 -6.65
C CYS D 89 6.39 -2.85 -5.99
N VAL D 90 7.18 -3.55 -5.15
CA VAL D 90 6.72 -4.73 -4.44
C VAL D 90 6.78 -4.42 -2.94
N ASP D 91 5.61 -4.56 -2.28
CA ASP D 91 5.47 -4.30 -0.85
C ASP D 91 6.18 -5.37 -0.03
N SER D 92 6.22 -5.14 1.29
CA SER D 92 6.97 -6.00 2.20
C SER D 92 6.42 -7.43 2.24
N ASP D 93 5.12 -7.61 1.89
CA ASP D 93 4.50 -8.92 1.85
C ASP D 93 4.55 -9.53 0.44
N GLY D 94 5.21 -8.84 -0.51
CA GLY D 94 5.33 -9.33 -1.86
C GLY D 94 4.20 -8.84 -2.79
N THR D 95 3.23 -8.08 -2.26
CA THR D 95 2.18 -7.55 -3.12
C THR D 95 2.76 -6.61 -4.16
N VAL D 96 2.32 -6.79 -5.42
CA VAL D 96 2.63 -5.82 -6.47
C VAL D 96 1.74 -4.59 -6.31
N ASN D 97 2.38 -3.46 -6.02
CA ASN D 97 1.74 -2.27 -5.47
C ASN D 97 0.98 -1.57 -6.60
N ARG D 98 -0.33 -1.39 -6.38
CA ARG D 98 -1.28 -0.98 -7.42
C ARG D 98 -1.10 0.49 -7.85
N GLU D 99 -0.40 1.34 -7.07
CA GLU D 99 -0.06 2.68 -7.54
C GLU D 99 1.41 2.84 -7.94
N LYS D 100 2.32 1.99 -7.48
CA LYS D 100 3.71 2.14 -7.93
C LYS D 100 3.97 1.44 -9.27
N PHE D 101 3.23 0.36 -9.58
CA PHE D 101 3.48 -0.41 -10.81
C PHE D 101 2.75 0.24 -11.98
N HIS D 102 3.51 0.74 -12.97
CA HIS D 102 2.91 1.59 -14.00
C HIS D 102 1.74 0.90 -14.70
N VAL D 103 1.88 -0.42 -14.86
CA VAL D 103 0.92 -1.25 -15.58
C VAL D 103 -0.43 -1.14 -14.88
N PHE D 104 -0.43 -1.14 -13.53
CA PHE D 104 -1.63 -1.13 -12.69
C PHE D 104 -2.16 0.30 -12.55
N LYS D 105 -1.24 1.25 -12.44
CA LYS D 105 -1.58 2.66 -12.24
C LYS D 105 -2.44 3.19 -13.38
N HIS D 106 -2.08 2.86 -14.63
CA HIS D 106 -2.85 3.23 -15.82
C HIS D 106 -3.27 1.97 -16.57
N TRP D 107 -4.18 1.21 -15.96
CA TRP D 107 -4.54 -0.10 -16.44
C TRP D 107 -5.21 -0.01 -17.80
N ASP D 108 -4.74 -0.84 -18.74
CA ASP D 108 -5.41 -1.07 -20.03
C ASP D 108 -5.91 -2.52 -20.03
N ARG D 109 -7.20 -2.73 -20.38
CA ARG D 109 -7.81 -4.04 -20.31
C ARG D 109 -7.19 -5.04 -21.31
N ARG D 110 -6.46 -4.57 -22.31
CA ARG D 110 -5.84 -5.48 -23.29
C ARG D 110 -4.59 -6.14 -22.71
N THR D 111 -4.07 -5.61 -21.60
CA THR D 111 -2.91 -6.20 -20.92
C THR D 111 -3.26 -7.57 -20.39
N THR D 112 -2.42 -8.56 -20.75
CA THR D 112 -2.58 -9.94 -20.29
C THR D 112 -1.75 -10.20 -19.04
N MET D 113 -2.01 -11.34 -18.41
CA MET D 113 -1.17 -11.77 -17.31
C MET D 113 0.31 -11.88 -17.74
N GLU D 114 0.54 -12.47 -18.91
CA GLU D 114 1.89 -12.58 -19.44
C GLU D 114 2.56 -11.21 -19.49
N LEU D 115 1.87 -10.21 -20.07
CA LEU D 115 2.43 -8.88 -20.25
C LEU D 115 2.69 -8.21 -18.88
N CYS D 116 1.81 -8.44 -17.90
CA CYS D 116 2.04 -7.98 -16.54
C CYS D 116 3.40 -8.49 -16.04
N LEU D 117 3.65 -9.80 -16.20
CA LEU D 117 4.88 -10.41 -15.70
C LEU D 117 6.08 -9.89 -16.47
N SER D 118 5.93 -9.77 -17.81
CA SER D 118 7.02 -9.24 -18.61
C SER D 118 7.41 -7.81 -18.18
N GLU D 119 6.42 -6.94 -17.93
CA GLU D 119 6.64 -5.59 -17.43
C GLU D 119 7.29 -5.57 -16.05
N LEU D 120 6.91 -6.50 -15.15
CA LEU D 120 7.56 -6.60 -13.85
C LEU D 120 9.03 -6.96 -14.03
N ARG D 121 9.29 -7.85 -14.99
CA ARG D 121 10.66 -8.19 -15.32
C ARG D 121 11.45 -6.97 -15.79
N LYS D 122 10.85 -6.11 -16.65
CA LYS D 122 11.49 -4.88 -17.11
C LYS D 122 11.83 -3.94 -15.95
N GLU D 123 10.99 -3.95 -14.90
CA GLU D 123 11.25 -3.17 -13.70
C GLU D 123 12.60 -3.56 -13.10
N MET D 124 12.86 -4.87 -13.03
CA MET D 124 14.10 -5.37 -12.46
C MET D 124 15.32 -4.86 -13.24
N ALA D 125 15.18 -4.61 -14.57
CA ALA D 125 16.27 -4.14 -15.42
C ALA D 125 16.53 -2.63 -15.32
N GLN D 126 15.67 -1.88 -14.63
CA GLN D 126 15.83 -0.43 -14.66
C GLN D 126 17.08 -0.04 -13.88
N PRO D 127 17.78 1.05 -14.27
CA PRO D 127 19.04 1.45 -13.62
C PRO D 127 19.05 1.47 -12.10
N GLN D 128 17.96 1.96 -11.50
CA GLN D 128 17.89 2.17 -10.06
C GLN D 128 17.58 0.86 -9.32
N ASN D 129 17.16 -0.19 -10.08
CA ASN D 129 16.75 -1.43 -9.45
C ASN D 129 17.73 -2.56 -9.77
N ARG D 130 18.37 -2.50 -10.93
CA ARG D 130 19.21 -3.59 -11.41
C ARG D 130 20.32 -4.00 -10.45
N LYS D 131 20.76 -3.14 -9.51
CA LYS D 131 21.85 -3.50 -8.62
C LYS D 131 21.37 -3.66 -7.17
N LEU D 132 20.05 -3.62 -6.94
CA LEU D 132 19.54 -3.78 -5.58
C LEU D 132 19.92 -5.16 -5.04
N VAL D 133 20.34 -5.17 -3.79
CA VAL D 133 20.79 -6.41 -3.20
C VAL D 133 19.54 -7.29 -3.03
N GLN D 134 19.65 -8.57 -3.41
CA GLN D 134 18.52 -9.49 -3.33
C GLN D 134 18.64 -10.39 -2.10
N PRO D 135 17.50 -10.83 -1.52
CA PRO D 135 17.50 -11.86 -0.49
C PRO D 135 18.14 -13.15 -1.00
N PRO D 136 18.53 -14.11 -0.13
CA PRO D 136 19.14 -15.36 -0.59
C PRO D 136 18.29 -16.07 -1.64
N GLU D 137 18.93 -16.65 -2.66
CA GLU D 137 18.18 -17.29 -3.73
C GLU D 137 17.30 -18.40 -3.13
N GLY D 138 16.04 -18.45 -3.58
CA GLY D 138 15.13 -19.46 -3.08
C GLY D 138 14.34 -19.04 -1.85
N SER D 139 14.58 -17.82 -1.37
CA SER D 139 13.83 -17.32 -0.23
C SER D 139 12.40 -16.92 -0.63
N THR D 140 11.51 -16.97 0.36
CA THR D 140 10.07 -16.76 0.23
C THR D 140 9.64 -15.79 1.31
N TYR D 141 8.37 -15.34 1.27
CA TYR D 141 7.90 -14.42 2.28
C TYR D 141 7.39 -15.22 3.49
#